data_7KB0
#
_entry.id   7KB0
#
_cell.length_a   135.308
_cell.length_b   135.308
_cell.length_c   110.878
_cell.angle_alpha   90.000
_cell.angle_beta   90.000
_cell.angle_gamma   120.000
#
_symmetry.space_group_name_H-M   'P 64 2 2'
#
loop_
_entity.id
_entity.type
_entity.pdbx_description
1 polymer 'O-acetyl-L-homoserine sulfhydrylase'
2 water water
#
_entity_poly.entity_id   1
_entity_poly.type   'polypeptide(L)'
_entity_poly.pdbx_seq_one_letter_code
;MDWKKYGYNTRALHAGYEPPEQATGSRAVPIYQTTSYVFRDSDHAARLFALEEPGFIYTRIGNPTVSVLEERIAALEEGV
GALAVASGQAAITYAILNIAGPGDEIVSGSALYGGTYNLFRHTLYKKSGIIVKFVDETDPKNIEEAITEKTKAVYLETIG
NPGLTVPDFEAIAEIAHRHGVPLIVDNTVAPYIFRPFEHGADIVVYSAT(LLP)FIGGHGTSIGGLIVDSGKFDWTNGKF
PELVEPDPSYHGVSYVETFKEAAYIAKCRTQLLRDLGSCMSPFNAFLFILGLETLSLRMKKHCENALKIVEFLKSHPAVS
WVNYPIAEGNKTRENALKYLKEGYGAIVTFGVKGGKEAGKKFIDSLTLISHLANIGDARTLAIHPASTTHQQLTEEEQLK
TGVTPDMIRLSVGIEDVEDIIADLDQALRKSQEG
;
_entity_poly.pdbx_strand_id   A
#
# COMPACT_ATOMS: atom_id res chain seq x y z
N ASP A 2 1.12 20.29 8.71
CA ASP A 2 2.44 20.48 9.29
C ASP A 2 3.55 20.00 8.36
N TRP A 3 4.78 20.38 8.69
CA TRP A 3 5.92 20.42 7.78
C TRP A 3 6.97 19.40 8.21
N LYS A 4 8.06 19.36 7.44
CA LYS A 4 9.14 18.41 7.68
C LYS A 4 9.90 18.69 8.96
N LYS A 5 9.71 19.86 9.56
CA LYS A 5 10.39 20.21 10.79
C LYS A 5 9.79 19.52 12.01
N TYR A 6 8.57 18.96 11.89
CA TYR A 6 7.88 18.35 13.00
C TYR A 6 8.02 16.84 12.95
N GLY A 7 7.90 16.21 14.12
CA GLY A 7 8.04 14.77 14.23
C GLY A 7 6.84 14.04 13.71
N TYR A 8 7.07 12.75 13.52
CA TYR A 8 6.09 11.90 12.84
C TYR A 8 4.76 11.92 13.60
N ASN A 9 4.84 11.78 14.93
CA ASN A 9 3.64 11.71 15.74
C ASN A 9 2.92 13.02 15.79
N THR A 10 3.65 14.14 15.75
CA THR A 10 2.98 15.44 15.74
C THR A 10 2.19 15.62 14.46
N ARG A 11 2.84 15.36 13.32
CA ARG A 11 2.17 15.33 12.02
C ARG A 11 0.94 14.42 12.01
N ALA A 12 1.07 13.21 12.54
CA ALA A 12 -0.04 12.24 12.53
C ALA A 12 -1.24 12.74 13.30
N LEU A 13 -1.06 13.74 14.17
CA LEU A 13 -2.12 14.30 14.97
C LEU A 13 -2.59 15.64 14.48
N HIS A 14 -1.86 16.29 13.57
CA HIS A 14 -2.15 17.69 13.26
C HIS A 14 -2.18 18.00 11.77
N ALA A 15 -1.36 17.32 10.97
CA ALA A 15 -1.15 17.75 9.60
C ALA A 15 -2.47 17.74 8.85
N GLY A 16 -2.77 18.85 8.18
CA GLY A 16 -3.89 18.92 7.30
C GLY A 16 -5.13 19.47 7.94
N TYR A 17 -5.10 19.65 9.25
CA TYR A 17 -6.24 20.18 9.98
C TYR A 17 -5.75 21.20 11.00
N GLU A 18 -4.83 22.06 10.61
CA GLU A 18 -4.39 23.19 11.42
C GLU A 18 -4.48 24.42 10.52
N PRO A 19 -5.23 25.44 10.90
CA PRO A 19 -6.09 25.42 12.09
C PRO A 19 -7.36 24.65 11.81
N PRO A 20 -8.07 24.23 12.87
CA PRO A 20 -9.41 23.66 12.69
C PRO A 20 -10.29 24.53 11.80
N GLU A 21 -11.37 23.97 11.24
CA GLU A 21 -12.23 24.75 10.37
C GLU A 21 -12.73 25.99 11.12
N GLN A 22 -12.82 27.10 10.41
CA GLN A 22 -13.08 28.37 11.07
C GLN A 22 -14.57 28.62 11.30
N ALA A 23 -15.46 27.74 10.82
CA ALA A 23 -16.89 27.93 11.06
C ALA A 23 -17.23 27.78 12.54
N THR A 24 -16.72 26.71 13.18
CA THR A 24 -17.02 26.43 14.58
C THR A 24 -15.79 26.11 15.43
N GLY A 25 -14.64 25.85 14.85
CA GLY A 25 -13.49 25.52 15.63
C GLY A 25 -13.37 24.05 15.99
N SER A 26 -14.14 23.18 15.35
CA SER A 26 -14.17 21.77 15.74
C SER A 26 -12.76 21.19 15.85
N ARG A 27 -12.38 20.72 17.03
CA ARG A 27 -11.06 20.11 17.17
C ARG A 27 -10.99 18.81 16.38
N ALA A 28 -12.00 17.99 16.45
CA ALA A 28 -12.05 16.79 15.62
C ALA A 28 -12.37 17.13 14.16
N VAL A 29 -11.87 16.32 13.25
CA VAL A 29 -12.11 16.54 11.83
C VAL A 29 -13.56 16.19 11.56
N PRO A 30 -14.35 17.13 11.06
CA PRO A 30 -15.76 16.85 10.84
C PRO A 30 -15.92 15.78 9.77
N ILE A 31 -17.02 15.05 9.84
CA ILE A 31 -17.42 14.16 8.77
C ILE A 31 -18.31 14.98 7.83
N TYR A 32 -17.75 15.40 6.69
CA TYR A 32 -18.50 16.15 5.71
C TYR A 32 -19.16 15.13 4.78
N GLN A 33 -20.22 14.51 5.27
CA GLN A 33 -21.01 13.56 4.47
C GLN A 33 -21.96 14.36 3.59
N THR A 34 -21.39 14.86 2.50
CA THR A 34 -22.07 15.74 1.59
C THR A 34 -21.60 15.40 0.17
N THR A 35 -22.47 15.63 -0.80
CA THR A 35 -22.08 15.47 -2.20
C THR A 35 -21.56 16.77 -2.81
N SER A 36 -22.06 17.93 -2.33
CA SER A 36 -21.95 19.20 -3.03
C SER A 36 -21.66 20.32 -2.04
N TYR A 37 -21.30 21.45 -2.63
CA TYR A 37 -20.79 22.63 -1.91
C TYR A 37 -21.31 23.87 -2.60
N VAL A 38 -22.02 24.75 -1.87
CA VAL A 38 -22.58 25.93 -2.50
C VAL A 38 -21.45 26.91 -2.87
N PHE A 39 -21.58 27.55 -4.02
CA PHE A 39 -20.53 28.46 -4.50
C PHE A 39 -20.88 29.87 -4.07
N ARG A 40 -19.84 30.69 -3.88
CA ARG A 40 -20.04 32.10 -3.54
C ARG A 40 -20.82 32.82 -4.64
N ASP A 41 -20.42 32.65 -5.91
CA ASP A 41 -21.13 33.23 -7.07
C ASP A 41 -20.69 32.48 -8.32
N SER A 42 -21.04 33.02 -9.50
CA SER A 42 -20.75 32.31 -10.76
C SER A 42 -19.27 32.35 -11.12
N ASP A 43 -18.56 33.42 -10.72
CA ASP A 43 -17.14 33.51 -11.04
C ASP A 43 -16.34 32.47 -10.26
N HIS A 44 -16.58 32.41 -8.94
CA HIS A 44 -16.15 31.29 -8.11
C HIS A 44 -16.37 29.96 -8.81
N ALA A 45 -17.64 29.69 -9.17
CA ALA A 45 -17.96 28.38 -9.76
C ALA A 45 -17.17 28.12 -11.04
N ALA A 46 -16.96 29.16 -11.86
CA ALA A 46 -16.24 28.97 -13.11
C ALA A 46 -14.75 28.75 -12.86
N ARG A 47 -14.14 29.60 -12.02
CA ARG A 47 -12.73 29.41 -11.68
C ARG A 47 -12.48 28.00 -11.13
N LEU A 48 -13.40 27.48 -10.32
CA LEU A 48 -13.17 26.17 -9.71
C LEU A 48 -13.10 25.09 -10.77
N PHE A 49 -14.02 25.12 -11.74
CA PHE A 49 -14.07 24.04 -12.73
C PHE A 49 -12.94 24.15 -13.76
N ALA A 50 -12.44 25.36 -14.00
CA ALA A 50 -11.37 25.63 -14.94
C ALA A 50 -9.99 25.32 -14.35
N LEU A 51 -9.95 24.97 -13.07
CA LEU A 51 -8.71 24.70 -12.33
C LEU A 51 -7.93 25.98 -12.04
N GLU A 52 -8.61 27.12 -12.00
CA GLU A 52 -7.96 28.41 -11.77
C GLU A 52 -7.99 28.86 -10.32
N GLU A 53 -8.66 28.14 -9.42
CA GLU A 53 -8.71 28.48 -8.00
C GLU A 53 -8.99 27.21 -7.21
N PRO A 54 -8.48 27.10 -5.99
CA PRO A 54 -8.75 25.91 -5.19
C PRO A 54 -10.01 26.04 -4.34
N GLY A 55 -10.74 24.93 -4.27
CA GLY A 55 -11.96 24.85 -3.49
C GLY A 55 -12.65 23.51 -3.73
N PHE A 56 -13.76 23.32 -3.04
CA PHE A 56 -14.51 22.08 -3.20
C PHE A 56 -15.67 22.26 -4.17
N ILE A 57 -15.90 21.25 -5.01
CA ILE A 57 -16.93 21.27 -6.04
C ILE A 57 -17.92 20.10 -5.91
N TYR A 58 -17.39 18.91 -5.59
CA TYR A 58 -18.16 17.67 -5.64
C TYR A 58 -17.35 16.52 -5.05
N THR A 59 -17.97 15.74 -4.15
CA THR A 59 -17.24 14.78 -3.32
C THR A 59 -16.58 13.67 -4.11
N ARG A 60 -17.08 13.36 -5.32
CA ARG A 60 -16.38 12.40 -6.15
C ARG A 60 -14.95 12.87 -6.43
N ILE A 61 -14.76 14.17 -6.58
CA ILE A 61 -13.51 14.78 -7.00
C ILE A 61 -12.69 15.26 -5.82
N GLY A 62 -13.36 15.58 -4.70
CA GLY A 62 -12.66 16.21 -3.60
C GLY A 62 -13.63 16.50 -2.47
N ASN A 63 -13.18 16.34 -1.24
CA ASN A 63 -14.03 16.45 -0.06
C ASN A 63 -13.19 16.86 1.12
N PRO A 64 -13.73 17.69 2.04
CA PRO A 64 -12.85 18.26 3.10
C PRO A 64 -12.37 17.24 4.08
N THR A 65 -13.20 16.28 4.48
CA THR A 65 -12.68 15.24 5.34
C THR A 65 -11.63 14.41 4.61
N VAL A 66 -11.94 14.02 3.37
CA VAL A 66 -10.99 13.22 2.62
C VAL A 66 -9.69 13.98 2.39
N SER A 67 -9.76 15.31 2.22
CA SER A 67 -8.55 16.09 1.99
C SER A 67 -7.61 16.10 3.20
N VAL A 68 -8.16 16.13 4.40
CA VAL A 68 -7.31 16.13 5.61
C VAL A 68 -6.51 14.84 5.67
N LEU A 69 -7.18 13.70 5.46
CA LEU A 69 -6.50 12.43 5.33
C LEU A 69 -5.34 12.48 4.32
N GLU A 70 -5.62 12.95 3.10
CA GLU A 70 -4.61 13.02 2.06
C GLU A 70 -3.43 13.89 2.49
N GLU A 71 -3.73 15.08 3.04
CA GLU A 71 -2.67 16.00 3.45
C GLU A 71 -1.84 15.43 4.60
N ARG A 72 -2.47 14.70 5.49
CA ARG A 72 -1.72 14.16 6.59
C ARG A 72 -0.84 12.99 6.14
N ILE A 73 -1.34 12.19 5.20
CA ILE A 73 -0.50 11.11 4.66
C ILE A 73 0.69 11.65 3.89
N ALA A 74 0.45 12.70 3.10
CA ALA A 74 1.56 13.32 2.38
C ALA A 74 2.58 13.89 3.35
N ALA A 75 2.12 14.46 4.45
CA ALA A 75 3.07 15.03 5.40
C ALA A 75 3.89 13.95 6.07
N LEU A 76 3.28 12.82 6.40
CA LEU A 76 4.00 11.73 7.04
C LEU A 76 4.99 11.08 6.10
N GLU A 77 4.67 11.04 4.80
CA GLU A 77 5.52 10.46 3.79
C GLU A 77 6.56 11.45 3.27
N GLU A 78 6.37 12.75 3.53
CA GLU A 78 7.14 13.82 2.92
C GLU A 78 6.97 13.78 1.40
N GLY A 79 5.75 13.58 0.97
CA GLY A 79 5.41 13.69 -0.43
C GLY A 79 4.79 15.05 -0.71
N VAL A 80 4.62 15.35 -1.99
CA VAL A 80 4.00 16.62 -2.35
C VAL A 80 2.46 16.60 -2.40
N GLY A 81 1.85 15.42 -2.43
CA GLY A 81 0.43 15.30 -2.38
C GLY A 81 0.01 13.84 -2.36
N ALA A 82 -1.25 13.62 -1.96
CA ALA A 82 -1.82 12.30 -1.95
C ALA A 82 -3.24 12.34 -2.51
N LEU A 83 -3.70 11.17 -2.91
CA LEU A 83 -5.06 10.99 -3.35
C LEU A 83 -5.67 9.80 -2.65
N ALA A 84 -6.88 9.96 -2.13
CA ALA A 84 -7.62 8.89 -1.50
C ALA A 84 -8.59 8.28 -2.47
N VAL A 85 -8.74 6.95 -2.36
CA VAL A 85 -9.56 6.16 -3.25
C VAL A 85 -10.21 5.04 -2.47
N ALA A 86 -11.12 4.35 -3.17
CA ALA A 86 -12.05 3.44 -2.55
C ALA A 86 -11.41 2.20 -1.94
N SER A 87 -10.20 1.82 -2.38
CA SER A 87 -9.55 0.58 -1.95
C SER A 87 -8.07 0.62 -2.32
N GLY A 88 -7.27 -0.24 -1.67
CA GLY A 88 -5.88 -0.43 -2.13
C GLY A 88 -5.79 -0.87 -3.59
N GLN A 89 -6.70 -1.73 -4.01
CA GLN A 89 -6.74 -2.11 -5.40
C GLN A 89 -6.94 -0.91 -6.31
N ALA A 90 -7.85 -0.01 -5.98
CA ALA A 90 -8.07 1.13 -6.84
C ALA A 90 -6.81 2.01 -6.87
N ALA A 91 -6.12 2.16 -5.74
CA ALA A 91 -4.89 2.97 -5.71
C ALA A 91 -3.80 2.40 -6.64
N ILE A 92 -3.59 1.10 -6.58
CA ILE A 92 -2.69 0.44 -7.52
C ILE A 92 -3.13 0.67 -8.95
N THR A 93 -4.40 0.37 -9.26
CA THR A 93 -4.97 0.59 -10.59
C THR A 93 -4.71 2.00 -11.10
N TYR A 94 -5.03 3.00 -10.28
CA TYR A 94 -4.88 4.38 -10.70
C TYR A 94 -3.43 4.75 -10.83
N ALA A 95 -2.57 4.24 -9.95
CA ALA A 95 -1.14 4.57 -10.03
C ALA A 95 -0.54 4.09 -11.34
N ILE A 96 -0.96 2.94 -11.81
CA ILE A 96 -0.48 2.44 -13.09
C ILE A 96 -1.18 3.17 -14.24
N LEU A 97 -2.53 3.19 -14.24
CA LEU A 97 -3.27 3.81 -15.35
C LEU A 97 -2.95 5.28 -15.54
N ASN A 98 -2.46 5.94 -14.51
CA ASN A 98 -2.07 7.31 -14.69
C ASN A 98 -0.95 7.44 -15.73
N ILE A 99 -0.11 6.42 -15.90
CA ILE A 99 1.08 6.63 -16.71
C ILE A 99 1.22 5.59 -17.79
N ALA A 100 0.21 4.73 -17.93
CA ALA A 100 0.25 3.63 -18.85
C ALA A 100 -1.12 3.39 -19.47
N GLY A 101 -1.11 2.81 -20.65
CA GLY A 101 -2.31 2.42 -21.34
C GLY A 101 -2.01 1.39 -22.39
N PRO A 102 -2.99 1.21 -23.30
CA PRO A 102 -2.87 0.17 -24.33
C PRO A 102 -1.54 0.11 -25.06
N GLY A 103 -0.88 -1.03 -24.95
CA GLY A 103 0.42 -1.25 -25.56
C GLY A 103 1.59 -0.97 -24.65
N ASP A 104 1.38 -0.59 -23.41
CA ASP A 104 2.46 -0.19 -22.53
C ASP A 104 2.91 -1.37 -21.69
N GLU A 105 4.09 -1.27 -21.10
CA GLU A 105 4.58 -2.31 -20.20
C GLU A 105 4.85 -1.78 -18.80
N ILE A 106 4.85 -2.70 -17.84
CA ILE A 106 5.19 -2.45 -16.44
C ILE A 106 6.10 -3.59 -16.02
N VAL A 107 7.22 -3.29 -15.38
CA VAL A 107 8.04 -4.32 -14.77
C VAL A 107 7.67 -4.41 -13.29
N SER A 108 7.23 -5.58 -12.87
CA SER A 108 6.80 -5.83 -11.51
C SER A 108 7.64 -6.91 -10.83
N GLY A 109 7.84 -6.77 -9.57
CA GLY A 109 8.32 -7.88 -8.79
C GLY A 109 7.23 -8.96 -8.76
N SER A 110 7.61 -10.13 -8.28
CA SER A 110 6.76 -11.29 -8.15
C SER A 110 6.36 -11.58 -6.70
N ALA A 111 7.01 -10.93 -5.75
CA ALA A 111 6.60 -11.11 -4.36
C ALA A 111 5.40 -10.19 -4.17
N LEU A 112 4.20 -10.72 -4.47
CA LEU A 112 3.00 -9.93 -4.63
C LEU A 112 1.79 -10.55 -3.91
N TYR A 113 0.96 -9.68 -3.31
CA TYR A 113 -0.38 -10.08 -2.87
C TYR A 113 -1.15 -10.63 -4.05
N GLY A 114 -1.94 -11.67 -3.82
CA GLY A 114 -2.67 -12.29 -4.91
C GLY A 114 -3.51 -11.32 -5.71
N GLY A 115 -4.16 -10.39 -5.04
CA GLY A 115 -5.05 -9.48 -5.77
C GLY A 115 -4.30 -8.59 -6.75
N THR A 116 -3.09 -8.17 -6.37
CA THR A 116 -2.29 -7.42 -7.32
C THR A 116 -1.93 -8.29 -8.52
N TYR A 117 -1.49 -9.54 -8.26
CA TYR A 117 -1.22 -10.47 -9.37
C TYR A 117 -2.40 -10.56 -10.34
N ASN A 118 -3.59 -10.76 -9.83
CA ASN A 118 -4.70 -10.95 -10.75
C ASN A 118 -5.01 -9.66 -11.51
N LEU A 119 -4.85 -8.50 -10.88
CA LEU A 119 -5.02 -7.27 -11.63
C LEU A 119 -3.96 -7.15 -12.73
N PHE A 120 -2.72 -7.47 -12.38
CA PHE A 120 -1.62 -7.27 -13.31
C PHE A 120 -1.69 -8.26 -14.46
N ARG A 121 -1.98 -9.53 -14.16
CA ARG A 121 -1.84 -10.57 -15.15
C ARG A 121 -3.05 -10.65 -16.05
N HIS A 122 -4.25 -10.44 -15.52
CA HIS A 122 -5.47 -10.62 -16.30
C HIS A 122 -6.27 -9.34 -16.56
N THR A 123 -6.62 -8.59 -15.53
CA THR A 123 -7.57 -7.50 -15.70
C THR A 123 -6.97 -6.34 -16.47
N LEU A 124 -5.76 -5.90 -16.11
CA LEU A 124 -5.15 -4.79 -16.82
C LEU A 124 -4.81 -5.18 -18.24
N TYR A 125 -4.55 -6.46 -18.48
CA TYR A 125 -4.25 -6.85 -19.85
C TYR A 125 -5.52 -6.84 -20.69
N LYS A 126 -6.62 -7.32 -20.15
CA LYS A 126 -7.81 -7.51 -20.97
C LYS A 126 -8.61 -6.23 -21.07
N LYS A 127 -8.56 -5.39 -20.05
CA LYS A 127 -9.36 -4.19 -20.01
C LYS A 127 -8.54 -2.93 -20.30
N SER A 128 -7.22 -3.02 -20.27
CA SER A 128 -6.40 -1.85 -20.52
C SER A 128 -5.25 -2.09 -21.48
N GLY A 129 -5.07 -3.30 -21.98
CA GLY A 129 -3.99 -3.63 -22.90
C GLY A 129 -2.59 -3.49 -22.35
N ILE A 130 -2.42 -3.57 -21.04
CA ILE A 130 -1.12 -3.36 -20.42
C ILE A 130 -0.48 -4.71 -20.15
N ILE A 131 0.81 -4.82 -20.49
CA ILE A 131 1.57 -6.05 -20.28
C ILE A 131 2.46 -5.79 -19.09
N VAL A 132 2.19 -6.50 -18.01
CA VAL A 132 3.04 -6.53 -16.83
C VAL A 132 4.04 -7.67 -16.97
N LYS A 133 5.33 -7.35 -16.82
CA LYS A 133 6.38 -8.34 -16.88
C LYS A 133 6.85 -8.60 -15.45
N PHE A 134 6.68 -9.84 -14.98
CA PHE A 134 6.99 -10.25 -13.63
C PHE A 134 8.41 -10.78 -13.52
N VAL A 135 9.17 -10.30 -12.53
CA VAL A 135 10.57 -10.69 -12.41
C VAL A 135 10.89 -11.05 -10.97
N ASP A 136 11.98 -11.80 -10.82
CA ASP A 136 12.52 -12.15 -9.50
C ASP A 136 13.31 -10.96 -8.99
N GLU A 137 12.66 -10.16 -8.14
CA GLU A 137 13.22 -8.87 -7.74
C GLU A 137 14.27 -9.04 -6.66
N THR A 138 14.57 -10.28 -6.28
CA THR A 138 15.64 -10.49 -5.33
C THR A 138 17.01 -10.17 -5.94
N ASP A 139 17.12 -10.19 -7.26
CA ASP A 139 18.31 -9.71 -7.96
C ASP A 139 17.91 -8.50 -8.80
N PRO A 140 18.41 -7.29 -8.48
CA PRO A 140 18.08 -6.11 -9.31
C PRO A 140 18.42 -6.26 -10.79
N LYS A 141 19.41 -7.08 -11.16
CA LYS A 141 19.72 -7.25 -12.57
C LYS A 141 18.50 -7.76 -13.33
N ASN A 142 17.64 -8.53 -12.65
CA ASN A 142 16.44 -9.04 -13.31
C ASN A 142 15.47 -7.92 -13.67
N ILE A 143 15.45 -6.83 -12.92
CA ILE A 143 14.61 -5.70 -13.30
C ILE A 143 15.14 -5.03 -14.57
N GLU A 144 16.46 -4.78 -14.61
CA GLU A 144 17.02 -4.11 -15.77
C GLU A 144 16.75 -4.90 -17.04
N GLU A 145 16.89 -6.23 -16.97
CA GLU A 145 16.78 -7.09 -18.16
C GLU A 145 15.38 -7.13 -18.73
N ALA A 146 14.38 -6.72 -17.98
CA ALA A 146 13.02 -6.77 -18.45
C ALA A 146 12.49 -5.42 -18.93
N ILE A 147 13.24 -4.33 -18.73
CA ILE A 147 12.82 -3.02 -19.22
C ILE A 147 13.00 -2.92 -20.72
N THR A 148 12.08 -2.24 -21.37
CA THR A 148 12.04 -2.11 -22.81
C THR A 148 11.64 -0.69 -23.09
N GLU A 149 11.60 -0.30 -24.36
CA GLU A 149 11.13 1.04 -24.63
C GLU A 149 9.66 1.24 -24.34
N LYS A 150 8.87 0.16 -24.13
CA LYS A 150 7.47 0.30 -23.78
C LYS A 150 7.21 0.36 -22.29
N THR A 151 8.24 0.19 -21.45
CA THR A 151 8.05 0.19 -20.01
C THR A 151 7.72 1.58 -19.51
N LYS A 152 6.72 1.66 -18.64
CA LYS A 152 6.34 2.92 -18.04
C LYS A 152 6.62 3.03 -16.56
N ALA A 153 6.82 1.92 -15.85
CA ALA A 153 7.14 1.99 -14.43
C ALA A 153 7.68 0.65 -13.99
N VAL A 154 8.33 0.68 -12.86
CA VAL A 154 8.72 -0.48 -12.08
C VAL A 154 7.86 -0.48 -10.81
N TYR A 155 7.42 -1.66 -10.40
CA TYR A 155 6.49 -1.81 -9.29
C TYR A 155 7.05 -2.85 -8.33
N LEU A 156 7.07 -2.50 -7.03
CA LEU A 156 7.54 -3.36 -5.95
C LEU A 156 6.60 -3.23 -4.74
N GLU A 157 6.55 -4.29 -3.92
CA GLU A 157 6.01 -4.26 -2.57
C GLU A 157 7.16 -4.21 -1.57
N THR A 158 6.91 -3.61 -0.43
CA THR A 158 8.01 -3.38 0.51
C THR A 158 8.43 -4.69 1.17
N ILE A 159 7.47 -5.42 1.71
CA ILE A 159 7.71 -6.74 2.27
C ILE A 159 6.73 -7.65 1.56
N GLY A 160 7.25 -8.51 0.70
CA GLY A 160 6.44 -9.43 -0.09
C GLY A 160 5.42 -10.23 0.68
N ASN A 161 4.16 -9.95 0.41
CA ASN A 161 3.06 -10.50 1.17
C ASN A 161 2.53 -11.74 0.46
N PRO A 162 2.78 -12.96 0.97
CA PRO A 162 3.54 -13.41 2.15
C PRO A 162 4.91 -14.12 1.89
N GLY A 163 5.57 -13.82 0.77
CA GLY A 163 6.94 -14.31 0.61
C GLY A 163 7.96 -13.71 1.59
N LEU A 164 7.68 -12.53 2.15
CA LEU A 164 8.50 -11.86 3.16
C LEU A 164 9.89 -11.49 2.66
N THR A 165 10.01 -11.25 1.35
CA THR A 165 11.28 -10.78 0.81
C THR A 165 11.27 -9.26 0.70
N VAL A 166 12.44 -8.66 0.87
CA VAL A 166 12.59 -7.22 0.80
C VAL A 166 13.53 -6.90 -0.35
N PRO A 167 13.06 -6.17 -1.35
CA PRO A 167 13.92 -5.82 -2.47
C PRO A 167 14.95 -4.77 -2.10
N ASP A 168 16.00 -4.68 -2.92
CA ASP A 168 17.01 -3.62 -2.80
C ASP A 168 16.52 -2.35 -3.50
N PHE A 169 15.84 -1.50 -2.72
CA PHE A 169 15.11 -0.37 -3.27
C PHE A 169 16.02 0.60 -4.00
N GLU A 170 17.17 0.95 -3.39
CA GLU A 170 18.06 1.94 -3.98
C GLU A 170 18.63 1.43 -5.28
N ALA A 171 18.95 0.14 -5.38
CA ALA A 171 19.54 -0.32 -6.62
C ALA A 171 18.51 -0.33 -7.73
N ILE A 172 17.32 -0.79 -7.40
CA ILE A 172 16.24 -0.82 -8.37
C ILE A 172 15.78 0.58 -8.73
N ALA A 173 15.76 1.51 -7.77
CA ALA A 173 15.39 2.87 -8.14
C ALA A 173 16.38 3.46 -9.13
N GLU A 174 17.66 3.13 -8.97
CA GLU A 174 18.62 3.65 -9.93
C GLU A 174 18.33 3.09 -11.31
N ILE A 175 18.06 1.79 -11.38
CA ILE A 175 17.74 1.18 -12.67
C ILE A 175 16.54 1.87 -13.31
N ALA A 176 15.47 2.12 -12.53
CA ALA A 176 14.26 2.67 -13.15
C ALA A 176 14.55 4.07 -13.69
N HIS A 177 15.22 4.90 -12.85
CA HIS A 177 15.53 6.28 -13.21
C HIS A 177 16.49 6.34 -14.39
N ARG A 178 17.50 5.46 -14.46
CA ARG A 178 18.36 5.47 -15.64
C ARG A 178 17.57 5.17 -16.91
N HIS A 179 16.49 4.40 -16.80
CA HIS A 179 15.67 4.08 -17.96
C HIS A 179 14.47 5.00 -18.12
N GLY A 180 14.39 6.05 -17.31
CA GLY A 180 13.36 7.07 -17.47
C GLY A 180 11.98 6.69 -16.98
N VAL A 181 11.87 5.79 -16.02
CA VAL A 181 10.58 5.43 -15.45
C VAL A 181 10.57 5.51 -13.93
N PRO A 182 9.44 5.78 -13.33
CA PRO A 182 9.36 5.88 -11.87
C PRO A 182 9.34 4.50 -11.24
N LEU A 183 9.73 4.47 -9.96
CA LEU A 183 9.55 3.32 -9.11
C LEU A 183 8.33 3.59 -8.23
N ILE A 184 7.37 2.68 -8.32
CA ILE A 184 6.16 2.71 -7.52
C ILE A 184 6.24 1.60 -6.49
N VAL A 185 6.07 1.96 -5.21
CA VAL A 185 6.20 1.02 -4.11
C VAL A 185 4.86 0.86 -3.42
N ASP A 186 4.46 -0.37 -3.20
CA ASP A 186 3.32 -0.66 -2.35
C ASP A 186 3.83 -0.89 -0.94
N ASN A 187 3.60 0.11 -0.06
CA ASN A 187 4.09 0.12 1.31
C ASN A 187 3.01 -0.25 2.31
N THR A 188 1.98 -0.97 1.85
CA THR A 188 0.87 -1.37 2.69
C THR A 188 1.29 -1.94 4.03
N VAL A 189 2.24 -2.89 4.02
CA VAL A 189 2.53 -3.64 5.23
C VAL A 189 3.52 -2.93 6.11
N ALA A 190 4.07 -1.79 5.65
CA ALA A 190 5.14 -1.15 6.43
C ALA A 190 5.03 0.35 6.53
N PRO A 191 3.85 0.89 6.77
CA PRO A 191 3.79 2.32 7.10
C PRO A 191 4.56 2.59 8.39
N TYR A 192 5.12 3.81 8.46
CA TYR A 192 5.96 4.27 9.55
C TYR A 192 7.30 3.54 9.63
N ILE A 193 7.28 2.20 9.65
CA ILE A 193 8.56 1.51 9.77
C ILE A 193 9.43 1.61 8.51
N PHE A 194 8.89 2.04 7.38
CA PHE A 194 9.68 2.21 6.18
C PHE A 194 9.23 3.46 5.44
N ARG A 195 10.18 4.23 4.94
CA ARG A 195 9.87 5.45 4.18
C ARG A 195 10.36 5.27 2.76
N PRO A 196 9.52 4.85 1.84
CA PRO A 196 10.04 4.55 0.50
C PRO A 196 10.71 5.75 -0.17
N PHE A 197 10.21 6.97 0.04
CA PHE A 197 10.78 8.10 -0.65
C PHE A 197 12.22 8.35 -0.22
N GLU A 198 12.63 7.85 0.95
CA GLU A 198 14.04 7.97 1.38
C GLU A 198 14.96 7.03 0.61
N HIS A 199 14.42 6.16 -0.24
CA HIS A 199 15.20 5.07 -0.81
C HIS A 199 14.98 4.89 -2.31
N GLY A 200 14.41 5.89 -2.98
CA GLY A 200 14.34 5.92 -4.43
C GLY A 200 12.94 5.84 -5.00
N ALA A 201 11.95 5.52 -4.19
CA ALA A 201 10.61 5.42 -4.74
C ALA A 201 10.12 6.81 -5.13
N ASP A 202 9.38 6.89 -6.24
CA ASP A 202 8.77 8.13 -6.71
C ASP A 202 7.29 8.24 -6.33
N ILE A 203 6.64 7.09 -6.26
CA ILE A 203 5.20 6.95 -6.01
C ILE A 203 5.07 5.88 -4.94
N VAL A 204 4.21 6.14 -3.96
CA VAL A 204 3.87 5.15 -2.96
C VAL A 204 2.35 4.96 -3.00
N VAL A 205 1.93 3.70 -3.01
CA VAL A 205 0.53 3.37 -2.75
C VAL A 205 0.37 2.58 -1.44
N TYR A 206 -0.81 2.71 -0.84
CA TYR A 206 -1.15 2.09 0.40
C TYR A 206 -2.49 1.41 0.19
N SER A 207 -2.73 0.26 0.79
CA SER A 207 -4.05 -0.20 1.18
C SER A 207 -4.23 0.32 2.59
N ALA A 208 -4.90 1.49 2.66
CA ALA A 208 -5.20 2.06 3.92
C ALA A 208 -6.03 1.13 4.78
N THR A 209 -6.73 0.24 4.09
CA THR A 209 -7.45 -0.83 4.83
C THR A 209 -6.70 -1.53 5.97
N PHE A 211 -2.84 -1.76 7.87
CA PHE A 211 -2.25 -1.18 9.05
C PHE A 211 -2.60 0.26 9.29
N ILE A 212 -2.75 1.07 8.23
CA ILE A 212 -3.06 2.48 8.43
C ILE A 212 -4.35 2.64 9.20
N GLY A 213 -5.40 1.93 8.77
CA GLY A 213 -6.61 1.95 9.54
C GLY A 213 -6.42 1.25 10.87
N GLY A 214 -6.02 0.00 10.79
CA GLY A 214 -5.47 -0.71 11.90
C GLY A 214 -6.50 -1.40 12.76
N HIS A 215 -7.77 -1.12 12.54
CA HIS A 215 -8.84 -1.66 13.37
C HIS A 215 -9.83 -2.50 12.58
N GLY A 216 -9.52 -2.79 11.32
CA GLY A 216 -10.36 -3.68 10.55
C GLY A 216 -11.77 -3.16 10.27
N THR A 217 -11.93 -1.84 10.13
CA THR A 217 -13.28 -1.29 9.90
C THR A 217 -13.55 -0.82 8.50
N SER A 218 -12.52 -0.38 7.76
CA SER A 218 -12.74 0.40 6.55
C SER A 218 -11.83 -0.05 5.43
N ILE A 219 -12.43 -0.08 4.25
CA ILE A 219 -11.70 -0.28 2.99
C ILE A 219 -11.22 1.08 2.51
N GLY A 220 -10.00 1.14 1.99
CA GLY A 220 -9.54 2.39 1.41
C GLY A 220 -8.13 2.28 0.87
N GLY A 221 -7.83 3.20 -0.03
CA GLY A 221 -6.52 3.24 -0.62
C GLY A 221 -6.01 4.67 -0.67
N LEU A 222 -4.69 4.76 -0.84
CA LEU A 222 -3.99 6.02 -0.99
C LEU A 222 -2.90 5.93 -2.05
N ILE A 223 -2.73 7.01 -2.80
CA ILE A 223 -1.61 7.20 -3.73
C ILE A 223 -0.87 8.42 -3.25
N VAL A 224 0.44 8.29 -3.06
CA VAL A 224 1.26 9.41 -2.61
C VAL A 224 2.34 9.73 -3.63
N ASP A 225 2.47 11.01 -3.99
CA ASP A 225 3.43 11.47 -4.98
C ASP A 225 4.63 12.14 -4.31
N SER A 226 5.84 11.65 -4.57
CA SER A 226 6.99 12.28 -3.95
C SER A 226 7.25 13.64 -4.58
N GLY A 227 6.75 13.87 -5.80
CA GLY A 227 7.04 15.08 -6.55
C GLY A 227 8.45 15.21 -7.11
N LYS A 228 9.26 14.18 -7.11
CA LYS A 228 10.63 14.29 -7.59
C LYS A 228 10.89 13.60 -8.92
N PHE A 229 9.89 13.02 -9.56
CA PHE A 229 10.21 12.40 -10.84
C PHE A 229 9.98 13.41 -11.95
N ASP A 230 10.83 13.38 -12.98
CA ASP A 230 10.69 14.26 -14.15
C ASP A 230 9.82 13.64 -15.23
N TRP A 231 8.59 14.10 -15.36
CA TRP A 231 7.66 13.51 -16.30
C TRP A 231 7.86 13.98 -17.74
N THR A 232 8.85 14.82 -18.04
CA THR A 232 8.99 15.42 -19.36
C THR A 232 9.95 14.70 -20.27
N ASN A 233 10.34 13.47 -19.96
CA ASN A 233 11.33 12.81 -20.80
C ASN A 233 10.76 12.24 -22.10
N GLY A 234 9.46 12.40 -22.35
CA GLY A 234 8.81 11.92 -23.57
C GLY A 234 8.00 10.66 -23.40
N LYS A 235 8.12 9.95 -22.30
CA LYS A 235 7.41 8.69 -22.05
C LYS A 235 6.06 8.89 -21.38
N PHE A 236 5.74 10.13 -20.98
CA PHE A 236 4.54 10.44 -20.19
C PHE A 236 3.82 11.65 -20.79
N PRO A 237 3.51 11.59 -22.08
CA PRO A 237 3.02 12.80 -22.77
C PRO A 237 1.71 13.37 -22.22
N GLU A 238 0.81 12.53 -21.70
CA GLU A 238 -0.38 13.02 -21.02
C GLU A 238 -0.05 13.94 -19.86
N LEU A 239 1.15 13.83 -19.26
CA LEU A 239 1.49 14.77 -18.20
C LEU A 239 2.06 16.07 -18.73
N VAL A 240 2.37 16.14 -20.03
CA VAL A 240 3.05 17.28 -20.63
C VAL A 240 2.16 17.99 -21.65
N GLU A 241 1.58 17.25 -22.57
CA GLU A 241 0.80 17.84 -23.63
C GLU A 241 -0.46 18.51 -23.09
N PRO A 242 -1.03 19.46 -23.83
CA PRO A 242 -2.29 20.07 -23.42
C PRO A 242 -3.39 19.00 -23.35
N ASP A 243 -4.18 19.04 -22.27
CA ASP A 243 -5.25 18.07 -22.05
C ASP A 243 -6.55 18.60 -22.63
N PRO A 244 -7.11 17.98 -23.69
CA PRO A 244 -8.38 18.50 -24.25
C PRO A 244 -9.50 18.61 -23.24
N SER A 245 -9.54 17.69 -22.27
CA SER A 245 -10.60 17.71 -21.27
C SER A 245 -10.55 18.94 -20.37
N TYR A 246 -9.39 19.58 -20.22
CA TYR A 246 -9.25 20.80 -19.43
C TYR A 246 -8.81 21.98 -20.29
N HIS A 247 -9.25 21.98 -21.54
CA HIS A 247 -8.90 23.00 -22.51
C HIS A 247 -7.45 23.40 -22.38
N GLY A 248 -6.57 22.48 -22.76
CA GLY A 248 -5.19 22.81 -23.03
C GLY A 248 -4.26 22.82 -21.85
N VAL A 249 -4.73 22.45 -20.66
CA VAL A 249 -3.87 22.46 -19.49
C VAL A 249 -2.74 21.45 -19.65
N SER A 250 -1.51 21.91 -19.42
CA SER A 250 -0.35 21.04 -19.25
C SER A 250 -0.16 20.80 -17.77
N TYR A 251 -0.21 19.53 -17.35
CA TYR A 251 -0.14 19.21 -15.92
C TYR A 251 1.19 19.63 -15.30
N VAL A 252 2.31 19.36 -15.96
CA VAL A 252 3.58 19.77 -15.40
C VAL A 252 3.67 21.30 -15.32
N GLU A 253 3.09 21.99 -16.30
CA GLU A 253 3.18 23.45 -16.32
C GLU A 253 2.35 24.08 -15.20
N THR A 254 1.12 23.61 -15.03
CA THR A 254 0.24 24.21 -14.03
C THR A 254 0.53 23.69 -12.64
N PHE A 255 0.78 22.39 -12.51
CA PHE A 255 0.91 21.81 -11.20
C PHE A 255 2.32 21.48 -10.82
N LYS A 256 3.27 21.63 -11.74
CA LYS A 256 4.70 21.53 -11.43
C LYS A 256 5.02 20.18 -10.78
N GLU A 257 5.62 20.13 -9.59
CA GLU A 257 6.01 18.86 -9.00
C GLU A 257 4.83 17.93 -8.66
N ALA A 258 3.61 18.46 -8.68
CA ALA A 258 2.40 17.70 -8.35
C ALA A 258 1.66 17.22 -9.59
N ALA A 259 2.31 17.22 -10.75
CA ALA A 259 1.61 16.95 -12.00
C ALA A 259 0.92 15.61 -11.94
N TYR A 260 1.60 14.59 -11.40
CA TYR A 260 1.08 13.23 -11.43
C TYR A 260 -0.17 13.07 -10.56
N ILE A 261 -0.08 13.43 -9.29
CA ILE A 261 -1.24 13.29 -8.41
C ILE A 261 -2.36 14.23 -8.83
N ALA A 262 -2.05 15.34 -9.50
CA ALA A 262 -3.12 16.18 -10.04
C ALA A 262 -3.90 15.45 -11.11
N LYS A 263 -3.23 14.85 -12.11
CA LYS A 263 -3.94 14.06 -13.13
C LYS A 263 -4.69 12.87 -12.53
N CYS A 264 -4.10 12.20 -11.53
CA CYS A 264 -4.86 11.12 -10.89
C CYS A 264 -6.25 11.61 -10.46
N ARG A 265 -6.31 12.84 -9.93
CA ARG A 265 -7.58 13.38 -9.45
C ARG A 265 -8.46 13.83 -10.61
N THR A 266 -7.89 14.62 -11.51
CA THR A 266 -8.66 15.36 -12.49
C THR A 266 -9.10 14.46 -13.61
N GLN A 267 -8.32 13.41 -13.92
CA GLN A 267 -8.67 12.46 -14.95
C GLN A 267 -9.31 11.19 -14.38
N LEU A 268 -8.53 10.40 -13.62
CA LEU A 268 -8.98 9.06 -13.24
C LEU A 268 -10.07 9.10 -12.16
N LEU A 269 -9.89 9.89 -11.12
CA LEU A 269 -10.94 9.94 -10.10
C LEU A 269 -12.20 10.56 -10.67
N ARG A 270 -12.04 11.60 -11.47
CA ARG A 270 -13.22 12.26 -12.01
C ARG A 270 -14.00 11.34 -12.92
N ASP A 271 -13.30 10.55 -13.74
CA ASP A 271 -13.94 9.71 -14.76
C ASP A 271 -14.20 8.27 -14.35
N LEU A 272 -13.23 7.56 -13.73
CA LEU A 272 -13.48 6.18 -13.34
C LEU A 272 -14.14 6.09 -11.96
N GLY A 273 -13.97 7.09 -11.09
CA GLY A 273 -14.91 7.27 -9.99
C GLY A 273 -14.71 6.38 -8.80
N SER A 274 -13.45 6.03 -8.49
CA SER A 274 -13.14 5.23 -7.28
C SER A 274 -12.87 6.09 -6.04
N CYS A 275 -13.87 6.87 -5.63
CA CYS A 275 -13.70 7.85 -4.56
C CYS A 275 -13.90 7.18 -3.21
N MET A 276 -13.24 7.74 -2.21
CA MET A 276 -13.46 7.28 -0.84
C MET A 276 -14.60 8.05 -0.19
N SER A 277 -15.35 7.35 0.65
CA SER A 277 -16.37 7.94 1.50
C SER A 277 -15.74 8.81 2.59
N PRO A 278 -16.38 9.93 2.97
CA PRO A 278 -15.81 10.78 4.03
C PRO A 278 -15.85 10.12 5.37
N PHE A 279 -16.83 9.27 5.62
CA PHE A 279 -16.84 8.46 6.83
C PHE A 279 -15.61 7.57 6.89
N ASN A 280 -15.29 6.88 5.80
CA ASN A 280 -14.12 6.01 5.83
C ASN A 280 -12.87 6.81 6.10
N ALA A 281 -12.78 7.99 5.50
CA ALA A 281 -11.63 8.86 5.71
C ALA A 281 -11.51 9.27 7.17
N PHE A 282 -12.64 9.62 7.79
CA PHE A 282 -12.64 9.94 9.20
C PHE A 282 -12.02 8.84 10.04
N LEU A 283 -12.42 7.58 9.78
CA LEU A 283 -11.85 6.47 10.52
C LEU A 283 -10.38 6.27 10.21
N PHE A 284 -9.93 6.47 8.95
CA PHE A 284 -8.49 6.31 8.71
C PHE A 284 -7.69 7.38 9.43
N ILE A 285 -8.21 8.61 9.50
CA ILE A 285 -7.53 9.61 10.30
C ILE A 285 -7.39 9.18 11.76
N LEU A 286 -8.46 8.66 12.35
CA LEU A 286 -8.34 8.13 13.71
C LEU A 286 -7.24 7.08 13.81
N GLY A 287 -7.15 6.18 12.82
CA GLY A 287 -6.10 5.18 12.81
C GLY A 287 -4.69 5.77 12.79
N LEU A 288 -4.49 6.82 12.01
CA LEU A 288 -3.16 7.43 11.91
C LEU A 288 -2.68 7.97 13.25
N GLU A 289 -3.61 8.43 14.08
CA GLU A 289 -3.24 9.06 15.31
C GLU A 289 -2.50 8.11 16.24
N THR A 290 -2.66 6.82 16.07
CA THR A 290 -1.96 5.83 16.89
C THR A 290 -1.06 4.93 16.08
N LEU A 291 -0.81 5.26 14.82
CA LEU A 291 -0.16 4.31 13.94
C LEU A 291 1.22 3.92 14.46
N SER A 292 2.03 4.89 14.88
CA SER A 292 3.40 4.56 15.26
C SER A 292 3.42 3.70 16.52
N LEU A 293 2.52 3.95 17.48
CA LEU A 293 2.49 3.09 18.66
C LEU A 293 2.07 1.68 18.29
N ARG A 294 1.02 1.58 17.47
CA ARG A 294 0.54 0.29 16.99
C ARG A 294 1.61 -0.49 16.23
N MET A 295 2.28 0.15 15.26
CA MET A 295 3.26 -0.58 14.46
C MET A 295 4.42 -1.07 15.32
N LYS A 296 4.81 -0.30 16.35
CA LYS A 296 5.93 -0.76 17.16
C LYS A 296 5.54 -2.02 17.93
N LYS A 297 4.30 -2.05 18.41
CA LYS A 297 3.80 -3.20 19.15
C LYS A 297 3.58 -4.43 18.24
N HIS A 298 3.10 -4.18 17.03
CA HIS A 298 2.91 -5.27 16.07
C HIS A 298 4.24 -5.98 15.80
N CYS A 299 5.27 -5.18 15.54
CA CYS A 299 6.56 -5.70 15.16
C CYS A 299 7.28 -6.34 16.34
N GLU A 300 7.13 -5.78 17.55
CA GLU A 300 7.72 -6.41 18.72
C GLU A 300 7.07 -7.77 19.01
N ASN A 301 5.72 -7.83 18.97
CA ASN A 301 5.02 -9.12 19.13
C ASN A 301 5.39 -10.11 18.01
N ALA A 302 5.52 -9.65 16.77
CA ALA A 302 5.80 -10.60 15.70
C ALA A 302 7.15 -11.26 15.92
N LEU A 303 8.15 -10.49 16.32
CA LEU A 303 9.48 -11.02 16.51
C LEU A 303 9.47 -12.04 17.64
N LYS A 304 8.67 -11.79 18.67
CA LYS A 304 8.52 -12.77 19.74
C LYS A 304 7.79 -14.03 19.25
N ILE A 305 6.78 -13.85 18.42
CA ILE A 305 6.06 -15.01 17.92
C ILE A 305 6.99 -15.89 17.10
N VAL A 306 7.85 -15.26 16.30
CA VAL A 306 8.79 -15.98 15.46
C VAL A 306 9.70 -16.85 16.31
N GLU A 307 10.17 -16.31 17.42
CA GLU A 307 11.13 -17.05 18.23
C GLU A 307 10.44 -18.25 18.86
N PHE A 308 9.17 -18.05 19.25
CA PHE A 308 8.36 -19.13 19.81
C PHE A 308 8.19 -20.24 18.80
N LEU A 309 7.76 -19.89 17.59
CA LEU A 309 7.54 -20.88 16.54
C LEU A 309 8.81 -21.64 16.15
N LYS A 310 9.95 -20.95 16.09
CA LYS A 310 11.20 -21.61 15.69
C LYS A 310 11.55 -22.79 16.60
N SER A 311 11.17 -22.73 17.87
CA SER A 311 11.53 -23.77 18.84
C SER A 311 10.39 -24.75 19.12
N HIS A 312 9.33 -24.74 18.33
CA HIS A 312 8.17 -25.54 18.69
C HIS A 312 8.16 -26.85 17.91
N PRO A 313 7.82 -27.97 18.56
CA PRO A 313 7.98 -29.28 17.90
C PRO A 313 7.01 -29.52 16.75
N ALA A 314 5.88 -28.85 16.67
CA ALA A 314 4.97 -29.12 15.55
C ALA A 314 5.25 -28.25 14.33
N VAL A 315 6.27 -27.40 14.38
CA VAL A 315 6.54 -26.45 13.31
C VAL A 315 7.74 -26.90 12.50
N SER A 316 7.59 -26.98 11.19
CA SER A 316 8.70 -27.47 10.36
C SER A 316 9.61 -26.34 9.89
N TRP A 317 9.10 -25.13 9.71
CA TRP A 317 9.89 -24.00 9.27
C TRP A 317 9.14 -22.72 9.64
N VAL A 318 9.88 -21.61 9.76
CA VAL A 318 9.33 -20.28 10.03
C VAL A 318 9.97 -19.22 9.12
N ASN A 319 9.19 -18.29 8.59
CA ASN A 319 9.82 -17.21 7.82
C ASN A 319 9.47 -15.83 8.35
N TYR A 320 10.37 -14.90 8.13
CA TYR A 320 10.30 -13.54 8.66
C TYR A 320 11.35 -12.77 7.87
N PRO A 321 11.15 -11.49 7.60
CA PRO A 321 12.10 -10.81 6.70
C PRO A 321 13.56 -10.98 7.11
N ILE A 322 13.86 -11.14 8.40
CA ILE A 322 15.25 -11.30 8.86
C ILE A 322 15.56 -12.72 9.30
N ALA A 323 14.71 -13.69 8.98
CA ALA A 323 15.03 -15.07 9.30
C ALA A 323 16.31 -15.48 8.62
N GLU A 324 17.04 -16.39 9.29
CA GLU A 324 18.35 -16.83 8.82
C GLU A 324 18.31 -17.38 7.41
N GLY A 325 17.23 -18.10 7.06
CA GLY A 325 17.14 -18.60 5.71
C GLY A 325 16.60 -17.62 4.68
N ASN A 326 16.14 -16.45 5.11
CA ASN A 326 15.54 -15.55 4.14
C ASN A 326 16.59 -14.99 3.18
N LYS A 327 16.32 -15.15 1.87
CA LYS A 327 17.28 -14.75 0.83
C LYS A 327 17.49 -13.24 0.78
N THR A 328 16.60 -12.44 1.35
CA THR A 328 16.80 -11.00 1.36
C THR A 328 16.98 -10.43 2.77
N ARG A 329 17.34 -11.25 3.76
CA ARG A 329 17.49 -10.71 5.10
C ARG A 329 18.43 -9.50 5.12
N GLU A 330 19.48 -9.49 4.28
CA GLU A 330 20.40 -8.36 4.21
C GLU A 330 19.66 -7.07 3.86
N ASN A 331 18.80 -7.12 2.84
CA ASN A 331 17.97 -5.97 2.52
C ASN A 331 17.04 -5.62 3.68
N ALA A 332 16.41 -6.61 4.32
CA ALA A 332 15.57 -6.29 5.47
C ALA A 332 16.38 -5.56 6.56
N LEU A 333 17.58 -6.04 6.85
CA LEU A 333 18.42 -5.37 7.85
C LEU A 333 18.74 -3.96 7.43
N LYS A 334 19.03 -3.75 6.13
CA LYS A 334 19.50 -2.44 5.68
C LYS A 334 18.39 -1.41 5.70
N TYR A 335 17.17 -1.77 5.27
CA TYR A 335 16.13 -0.78 5.00
C TYR A 335 15.07 -0.63 6.10
N LEU A 336 14.86 -1.67 6.88
CA LEU A 336 13.87 -1.65 7.95
C LEU A 336 14.64 -1.48 9.24
N LYS A 337 14.68 -0.27 9.75
CA LYS A 337 15.41 0.00 10.98
C LYS A 337 14.50 0.24 12.17
N GLU A 338 13.17 0.11 11.96
CA GLU A 338 12.16 0.35 13.00
C GLU A 338 11.30 -0.86 13.41
N GLY A 339 11.59 -2.05 12.90
CA GLY A 339 10.74 -3.21 13.05
C GLY A 339 10.59 -3.94 11.72
N TYR A 340 10.28 -5.23 11.71
CA TYR A 340 10.39 -5.99 10.48
C TYR A 340 9.05 -6.49 10.00
N GLY A 341 7.94 -5.84 10.44
CA GLY A 341 6.62 -6.12 9.95
C GLY A 341 5.91 -7.10 10.85
N ALA A 342 4.61 -7.20 10.63
CA ALA A 342 3.72 -7.97 11.47
C ALA A 342 3.47 -9.35 10.92
N ILE A 343 3.95 -9.65 9.73
CA ILE A 343 3.54 -10.86 9.03
C ILE A 343 4.59 -11.94 9.26
N VAL A 344 4.09 -13.14 9.55
CA VAL A 344 4.90 -14.30 9.91
C VAL A 344 4.26 -15.48 9.18
N THR A 345 5.08 -16.29 8.52
CA THR A 345 4.68 -17.55 7.92
C THR A 345 5.39 -18.71 8.59
N PHE A 346 4.72 -19.85 8.54
CA PHE A 346 5.30 -21.07 9.05
C PHE A 346 4.55 -22.25 8.46
N GLY A 347 5.19 -23.42 8.58
CA GLY A 347 4.61 -24.68 8.15
C GLY A 347 4.46 -25.61 9.33
N VAL A 348 3.37 -26.32 9.33
CA VAL A 348 3.07 -27.35 10.33
C VAL A 348 3.52 -28.70 9.81
N LYS A 349 4.09 -29.49 10.72
CA LYS A 349 4.38 -30.89 10.40
C LYS A 349 3.09 -31.64 10.10
N GLY A 350 3.07 -32.38 9.00
CA GLY A 350 1.90 -33.07 8.49
C GLY A 350 1.23 -32.36 7.32
N GLY A 351 1.83 -31.27 6.83
CA GLY A 351 1.39 -30.62 5.62
C GLY A 351 0.01 -29.99 5.69
N LYS A 352 -0.58 -29.85 4.50
CA LYS A 352 -1.79 -29.05 4.31
C LYS A 352 -2.90 -29.45 5.29
N GLU A 353 -3.07 -30.76 5.50
CA GLU A 353 -4.13 -31.25 6.38
C GLU A 353 -3.86 -30.95 7.86
N ALA A 354 -2.59 -30.87 8.27
CA ALA A 354 -2.28 -30.45 9.63
C ALA A 354 -2.56 -28.96 9.82
N GLY A 355 -2.09 -28.13 8.87
CA GLY A 355 -2.44 -26.72 8.91
C GLY A 355 -3.95 -26.51 8.95
N LYS A 356 -4.68 -27.38 8.25
CA LYS A 356 -6.13 -27.35 8.30
C LYS A 356 -6.60 -27.47 9.74
N LYS A 357 -6.07 -28.44 10.47
CA LYS A 357 -6.50 -28.68 11.83
C LYS A 357 -5.97 -27.64 12.81
N PHE A 358 -4.84 -27.01 12.46
CA PHE A 358 -4.36 -25.85 13.24
C PHE A 358 -5.37 -24.71 13.20
N ILE A 359 -5.75 -24.30 11.98
CA ILE A 359 -6.72 -23.22 11.79
C ILE A 359 -8.01 -23.54 12.50
N ASP A 360 -8.50 -24.77 12.34
CA ASP A 360 -9.79 -25.15 12.90
C ASP A 360 -9.80 -25.17 14.44
N SER A 361 -8.64 -25.26 15.07
CA SER A 361 -8.56 -25.34 16.52
C SER A 361 -8.44 -23.99 17.22
N LEU A 362 -8.19 -22.92 16.49
CA LEU A 362 -7.84 -21.65 17.14
C LEU A 362 -9.03 -21.13 17.95
N THR A 363 -8.72 -20.45 19.04
CA THR A 363 -9.76 -19.93 19.91
C THR A 363 -9.72 -18.43 20.14
N LEU A 364 -8.63 -17.76 19.84
CA LEU A 364 -8.48 -16.32 19.99
C LEU A 364 -8.02 -15.64 18.71
N ILE A 365 -7.11 -16.25 17.99
CA ILE A 365 -6.71 -15.77 16.68
C ILE A 365 -7.84 -16.00 15.69
N SER A 366 -8.07 -15.00 14.84
CA SER A 366 -9.23 -14.95 13.97
C SER A 366 -8.81 -15.52 12.61
N HIS A 367 -9.55 -16.53 12.15
CA HIS A 367 -9.40 -17.13 10.82
C HIS A 367 -10.23 -16.28 9.86
N LEU A 368 -9.55 -15.36 9.16
CA LEU A 368 -10.20 -14.43 8.26
C LEU A 368 -9.20 -13.99 7.20
N ALA A 369 -9.71 -13.28 6.19
CA ALA A 369 -8.91 -12.74 5.08
C ALA A 369 -8.64 -11.27 5.35
N ASN A 370 -7.44 -10.98 5.83
CA ASN A 370 -7.03 -9.62 6.11
C ASN A 370 -5.62 -9.74 6.66
N ILE A 371 -4.94 -8.61 6.68
CA ILE A 371 -3.81 -8.39 7.53
C ILE A 371 -3.97 -7.00 8.13
N GLY A 372 -3.14 -6.70 9.11
CA GLY A 372 -3.08 -5.35 9.61
C GLY A 372 -4.18 -4.95 10.55
N ASP A 373 -4.93 -5.90 11.08
CA ASP A 373 -5.89 -5.60 12.14
C ASP A 373 -5.14 -5.53 13.48
N ALA A 374 -5.75 -4.87 14.47
CA ALA A 374 -5.14 -4.91 15.80
C ALA A 374 -5.14 -6.32 16.36
N ARG A 375 -6.13 -7.12 15.98
CA ARG A 375 -6.24 -8.51 16.40
C ARG A 375 -5.28 -9.36 15.60
N THR A 376 -4.90 -10.49 16.20
CA THR A 376 -4.07 -11.46 15.50
C THR A 376 -4.93 -12.34 14.59
N LEU A 377 -4.43 -12.53 13.35
CA LEU A 377 -5.12 -13.19 12.26
C LEU A 377 -4.27 -14.33 11.70
N ALA A 378 -4.95 -15.40 11.24
CA ALA A 378 -4.27 -16.52 10.60
C ALA A 378 -5.04 -16.96 9.37
N ILE A 379 -4.32 -17.56 8.41
CA ILE A 379 -5.01 -18.10 7.23
C ILE A 379 -4.14 -19.10 6.47
N HIS A 380 -4.73 -19.83 5.52
CA HIS A 380 -3.97 -20.69 4.60
C HIS A 380 -3.97 -20.09 3.20
N PRO A 381 -2.90 -19.37 2.77
CA PRO A 381 -3.01 -18.54 1.55
C PRO A 381 -3.32 -19.32 0.28
N ALA A 382 -2.81 -20.54 0.16
CA ALA A 382 -2.91 -21.22 -1.12
C ALA A 382 -4.36 -21.45 -1.52
N SER A 383 -5.27 -21.51 -0.55
CA SER A 383 -6.68 -21.70 -0.84
C SER A 383 -7.51 -20.44 -0.60
N THR A 384 -6.88 -19.26 -0.46
CA THR A 384 -7.62 -18.04 -0.13
C THR A 384 -7.05 -16.81 -0.84
N THR A 385 -6.21 -16.02 -0.14
CA THR A 385 -5.70 -14.78 -0.73
C THR A 385 -5.00 -15.00 -2.08
N HIS A 386 -4.57 -16.23 -2.37
CA HIS A 386 -3.86 -16.54 -3.61
C HIS A 386 -4.55 -17.63 -4.44
N GLN A 387 -5.83 -17.94 -4.14
CA GLN A 387 -6.49 -19.03 -4.84
C GLN A 387 -6.66 -18.76 -6.33
N GLN A 388 -6.51 -17.51 -6.77
CA GLN A 388 -6.70 -17.18 -8.18
C GLN A 388 -5.51 -17.59 -9.04
N LEU A 389 -4.44 -18.08 -8.41
CA LEU A 389 -3.19 -18.39 -9.07
C LEU A 389 -2.97 -19.91 -9.18
N THR A 390 -2.34 -20.33 -10.28
CA THR A 390 -1.93 -21.72 -10.48
C THR A 390 -0.88 -22.13 -9.44
N GLU A 391 -0.66 -23.44 -9.28
CA GLU A 391 0.33 -23.91 -8.31
C GLU A 391 1.71 -23.36 -8.64
N GLU A 392 2.06 -23.31 -9.94
CA GLU A 392 3.32 -22.67 -10.35
C GLU A 392 3.33 -21.18 -10.01
N GLU A 393 2.23 -20.47 -10.31
CA GLU A 393 2.16 -19.04 -10.01
C GLU A 393 2.25 -18.76 -8.51
N GLN A 394 1.56 -19.53 -7.67
CA GLN A 394 1.64 -19.29 -6.22
C GLN A 394 3.08 -19.41 -5.72
N LEU A 395 3.86 -20.27 -6.37
CA LEU A 395 5.23 -20.52 -5.89
C LEU A 395 6.14 -19.36 -6.26
N LYS A 396 5.85 -18.70 -7.39
CA LYS A 396 6.58 -17.49 -7.79
C LYS A 396 6.45 -16.37 -6.76
N THR A 397 5.29 -16.27 -6.09
CA THR A 397 5.02 -15.20 -5.14
C THR A 397 5.46 -15.54 -3.71
N GLY A 398 6.07 -16.71 -3.51
CA GLY A 398 6.46 -17.14 -2.18
C GLY A 398 5.42 -17.90 -1.38
N VAL A 399 4.42 -18.52 -2.02
CA VAL A 399 3.31 -19.19 -1.37
C VAL A 399 3.44 -20.67 -1.70
N THR A 400 3.56 -21.52 -0.66
CA THR A 400 3.56 -22.98 -0.77
C THR A 400 2.23 -23.55 -0.34
N PRO A 401 2.04 -24.87 -0.49
CA PRO A 401 0.77 -25.48 -0.05
C PRO A 401 0.61 -25.71 1.44
N ASP A 402 1.69 -25.77 2.22
CA ASP A 402 1.61 -26.04 3.65
C ASP A 402 1.71 -24.76 4.50
N MET A 403 1.74 -23.62 3.85
CA MET A 403 2.04 -22.38 4.52
C MET A 403 0.83 -21.89 5.31
N ILE A 404 1.09 -21.45 6.54
CA ILE A 404 0.18 -20.64 7.37
C ILE A 404 0.75 -19.23 7.40
N ARG A 405 -0.09 -18.25 7.11
CA ARG A 405 0.27 -16.86 7.32
C ARG A 405 -0.41 -16.34 8.57
N LEU A 406 0.40 -15.68 9.41
CA LEU A 406 -0.09 -14.92 10.55
C LEU A 406 0.13 -13.43 10.38
N SER A 407 -0.89 -12.64 10.72
CA SER A 407 -0.76 -11.22 10.89
C SER A 407 -0.80 -11.06 12.40
N VAL A 408 0.33 -10.76 12.99
CA VAL A 408 0.44 -10.68 14.43
C VAL A 408 -0.15 -9.35 14.90
N GLY A 409 -1.07 -9.43 15.86
CA GLY A 409 -1.77 -8.27 16.41
C GLY A 409 -1.11 -7.70 17.66
N ILE A 410 -1.87 -6.90 18.39
CA ILE A 410 -1.32 -6.18 19.53
C ILE A 410 -1.94 -6.62 20.85
N GLU A 411 -2.52 -7.81 20.87
CA GLU A 411 -2.86 -8.47 22.10
C GLU A 411 -1.61 -8.71 22.98
N ASP A 412 -1.85 -9.12 24.22
CA ASP A 412 -0.73 -9.54 25.04
C ASP A 412 -0.13 -10.82 24.49
N VAL A 413 1.18 -10.78 24.19
CA VAL A 413 1.84 -11.86 23.44
C VAL A 413 1.66 -13.23 24.12
N GLU A 414 1.63 -13.29 25.45
CA GLU A 414 1.46 -14.60 26.07
C GLU A 414 0.11 -15.22 25.70
N ASP A 415 -0.93 -14.38 25.50
CA ASP A 415 -2.22 -14.93 25.04
C ASP A 415 -2.16 -15.41 23.59
N ILE A 416 -1.50 -14.65 22.72
CA ILE A 416 -1.29 -15.15 21.35
C ILE A 416 -0.57 -16.49 21.37
N ILE A 417 0.55 -16.55 22.11
CA ILE A 417 1.37 -17.77 22.09
C ILE A 417 0.59 -18.97 22.64
N ALA A 418 -0.27 -18.74 23.63
CA ALA A 418 -1.04 -19.85 24.21
C ALA A 418 -2.06 -20.39 23.21
N ASP A 419 -2.65 -19.49 22.42
CA ASP A 419 -3.57 -19.96 21.41
C ASP A 419 -2.80 -20.73 20.35
N LEU A 420 -1.63 -20.22 19.96
CA LEU A 420 -0.84 -20.92 18.95
C LEU A 420 -0.45 -22.29 19.45
N ASP A 421 -0.14 -22.43 20.74
CA ASP A 421 0.42 -23.70 21.21
C ASP A 421 -0.65 -24.77 21.29
N GLN A 422 -1.79 -24.44 21.90
CA GLN A 422 -2.85 -25.44 21.96
C GLN A 422 -3.29 -25.87 20.56
N ALA A 423 -3.29 -24.97 19.59
CA ALA A 423 -3.74 -25.32 18.25
C ALA A 423 -2.68 -26.14 17.50
N LEU A 424 -1.40 -25.87 17.74
CA LEU A 424 -0.33 -26.68 17.16
C LEU A 424 -0.30 -28.10 17.74
N ARG A 425 -0.59 -28.25 19.04
CA ARG A 425 -0.69 -29.60 19.61
C ARG A 425 -1.83 -30.39 18.97
N LYS A 426 -2.98 -29.73 18.78
CA LYS A 426 -4.13 -30.41 18.20
C LYS A 426 -3.92 -30.81 16.74
N SER A 427 -3.05 -30.09 16.02
CA SER A 427 -2.81 -30.42 14.62
C SER A 427 -2.04 -31.72 14.44
N GLN A 428 -1.37 -32.19 15.49
CA GLN A 428 -0.57 -33.41 15.45
C GLN A 428 -1.34 -34.62 15.96
N GLU A 429 -2.65 -34.51 16.06
CA GLU A 429 -3.46 -35.61 16.59
C GLU A 429 -4.27 -36.27 15.48
#